data_3F10
#
_entry.id   3F10
#
_cell.length_a   138.500
_cell.length_b   138.500
_cell.length_c   138.500
_cell.angle_alpha   90.00
_cell.angle_beta   90.00
_cell.angle_gamma   90.00
#
_symmetry.space_group_name_H-M   'P 41 3 2'
#
loop_
_entity.id
_entity.type
_entity.pdbx_description
1 polymer 8-oxoguanine-DNA-glycosylase
2 non-polymer "2'-DEOXY-8-OXOGUANOSINE"
3 non-polymer 1,2-ETHANEDIOL
4 water water
#
_entity_poly.entity_id   1
_entity_poly.type   'polypeptide(L)'
_entity_poly.pdbx_seq_one_letter_code
;MDFDMIEEKKDSVIVRNVENFELKDIFDCGQCFRWHRQENGNYIGIAFEKVVEVQKIGEDVVIYNINEEEFKNVWSEYFD
LYRDYGEIKKELSRDPLLKKSVDFGEGIRILRQDPFEILLSFIISANNRIPMIKKCINNISEKAGKKLEYKGKIYYAFPT
VDKLHEFTEKDFEECTAGFRAKYLKDTVDRIYNGELNLEYIKSLNDNECHEELKKFMGVGPQVADCIMLFSMQKYSAFPV
DTWVKKAMMSLYVAPDVSLKKIRDFGREKFGSLSGFAQQYLFYYARENNIQL
;
_entity_poly.pdbx_strand_id   A
#
loop_
_chem_comp.id
_chem_comp.type
_chem_comp.name
_chem_comp.formula
8HG non-polymer 2'-DEOXY-8-OXOGUANOSINE 'C10 H13 N5 O5'
EDO non-polymer 1,2-ETHANEDIOL 'C2 H6 O2'
#
# COMPACT_ATOMS: atom_id res chain seq x y z
N MET A 1 7.85 18.75 -7.36
CA MET A 1 7.27 18.11 -6.13
C MET A 1 5.86 18.65 -5.87
N ASP A 2 5.10 17.88 -5.10
CA ASP A 2 3.74 18.29 -4.76
C ASP A 2 3.66 19.00 -3.43
N PHE A 3 4.67 19.81 -3.14
CA PHE A 3 4.70 20.62 -1.92
C PHE A 3 5.75 21.70 -2.14
N ASP A 4 5.61 22.83 -1.47
CA ASP A 4 6.57 23.93 -1.65
C ASP A 4 7.81 23.81 -0.79
N MET A 5 7.61 23.66 0.51
CA MET A 5 8.73 23.52 1.44
C MET A 5 8.25 22.95 2.76
N ILE A 6 9.19 22.69 3.66
CA ILE A 6 8.80 22.17 4.95
C ILE A 6 9.33 23.10 6.02
N GLU A 7 8.91 22.82 7.25
CA GLU A 7 9.35 23.61 8.38
C GLU A 7 9.40 22.67 9.57
N GLU A 8 10.58 22.53 10.16
CA GLU A 8 10.76 21.67 11.30
C GLU A 8 10.23 22.34 12.56
N LYS A 9 9.41 21.62 13.33
CA LYS A 9 8.85 22.15 14.57
C LYS A 9 9.35 21.34 15.77
N LYS A 10 8.84 21.68 16.94
CA LYS A 10 9.21 21.02 18.19
C LYS A 10 9.21 19.50 17.98
N ASP A 11 8.00 18.93 17.91
CA ASP A 11 7.86 17.50 17.73
C ASP A 11 7.10 17.16 16.44
N SER A 12 7.50 17.76 15.33
CA SER A 12 6.84 17.51 14.06
C SER A 12 7.46 18.26 12.89
N VAL A 13 6.91 18.02 11.71
CA VAL A 13 7.37 18.66 10.48
C VAL A 13 6.12 19.10 9.73
N ILE A 14 6.11 20.33 9.26
CA ILE A 14 4.98 20.87 8.52
C ILE A 14 5.34 20.95 7.05
N VAL A 15 4.48 20.39 6.19
CA VAL A 15 4.71 20.41 4.76
C VAL A 15 3.79 21.51 4.21
N ARG A 16 4.39 22.51 3.58
CA ARG A 16 3.60 23.63 3.06
C ARG A 16 3.04 23.43 1.67
N ASN A 17 1.81 23.90 1.48
CA ASN A 17 1.12 23.83 0.20
C ASN A 17 1.19 22.49 -0.51
N VAL A 18 0.78 21.43 0.16
N VAL A 18 0.77 21.43 0.16
CA VAL A 18 0.80 20.11 -0.46
CA VAL A 18 0.80 20.10 -0.45
C VAL A 18 -0.30 20.04 -1.50
C VAL A 18 -0.31 20.03 -1.51
N GLU A 19 -0.04 19.30 -2.58
CA GLU A 19 -1.03 19.14 -3.65
C GLU A 19 -1.36 17.66 -3.84
N ASN A 20 -2.60 17.36 -4.18
CA ASN A 20 -3.05 16.00 -4.40
C ASN A 20 -2.66 15.19 -3.18
N PHE A 21 -3.36 15.45 -2.08
CA PHE A 21 -3.05 14.80 -0.83
C PHE A 21 -4.25 14.91 0.10
N GLU A 22 -4.96 13.81 0.29
CA GLU A 22 -6.10 13.77 1.21
C GLU A 22 -5.92 12.51 2.04
N LEU A 23 -6.10 12.63 3.36
CA LEU A 23 -5.90 11.51 4.27
C LEU A 23 -6.72 10.25 4.02
N LYS A 24 -8.01 10.40 3.78
CA LYS A 24 -8.83 9.23 3.54
C LYS A 24 -8.45 8.54 2.23
N ASP A 25 -8.19 9.33 1.19
CA ASP A 25 -7.81 8.80 -0.11
C ASP A 25 -6.52 7.99 -0.02
N ILE A 26 -5.54 8.52 0.69
CA ILE A 26 -4.27 7.84 0.83
C ILE A 26 -4.36 6.57 1.68
N PHE A 27 -4.89 6.72 2.88
CA PHE A 27 -4.98 5.61 3.83
C PHE A 27 -6.10 4.59 3.69
N ASP A 28 -7.19 4.96 3.03
CA ASP A 28 -8.30 4.01 2.85
C ASP A 28 -8.55 3.57 1.42
N CYS A 29 -7.62 3.85 0.50
CA CYS A 29 -7.81 3.47 -0.90
C CYS A 29 -7.46 1.99 -1.16
N GLY A 30 -7.05 1.30 -0.12
CA GLY A 30 -6.72 -0.12 -0.24
C GLY A 30 -5.26 -0.53 -0.15
N GLN A 31 -4.35 0.43 -0.29
CA GLN A 31 -2.93 0.14 -0.27
C GLN A 31 -2.30 -0.16 1.09
N CYS A 32 -2.93 0.25 2.18
CA CYS A 32 -2.34 0.01 3.50
C CYS A 32 -3.29 -0.49 4.58
N PHE A 33 -2.71 -1.11 5.60
CA PHE A 33 -3.51 -1.69 6.67
C PHE A 33 -3.21 -1.19 8.09
N ARG A 34 -2.06 -0.55 8.29
CA ARG A 34 -1.70 -0.09 9.63
C ARG A 34 -1.84 1.39 9.92
N TRP A 35 -2.80 2.06 9.28
CA TRP A 35 -3.06 3.47 9.53
C TRP A 35 -4.50 3.55 10.03
N HIS A 36 -4.70 4.13 11.20
CA HIS A 36 -6.04 4.21 11.76
C HIS A 36 -6.53 5.64 11.95
N ARG A 37 -7.77 5.87 11.54
CA ARG A 37 -8.38 7.19 11.65
C ARG A 37 -8.73 7.52 13.11
N GLN A 38 -8.36 8.71 13.54
CA GLN A 38 -8.64 9.15 14.91
C GLN A 38 -9.92 9.97 14.97
N GLU A 39 -10.47 10.09 16.16
CA GLU A 39 -11.71 10.84 16.38
C GLU A 39 -11.67 12.24 15.73
N ASN A 40 -10.52 12.92 15.81
CA ASN A 40 -10.38 14.26 15.24
C ASN A 40 -10.04 14.35 13.76
N GLY A 41 -10.12 13.25 13.03
CA GLY A 41 -9.83 13.28 11.61
C GLY A 41 -8.41 12.87 11.23
N ASN A 42 -7.48 13.00 12.15
CA ASN A 42 -6.09 12.63 11.88
C ASN A 42 -5.96 11.11 11.73
N TYR A 43 -4.78 10.67 11.28
CA TYR A 43 -4.50 9.25 11.12
C TYR A 43 -3.19 8.95 11.80
N ILE A 44 -3.15 7.82 12.51
CA ILE A 44 -1.94 7.39 13.18
C ILE A 44 -1.55 6.07 12.54
N GLY A 45 -0.27 5.91 12.21
CA GLY A 45 0.16 4.68 11.59
C GLY A 45 1.53 4.21 12.08
N ILE A 46 1.84 2.95 11.79
CA ILE A 46 3.12 2.36 12.17
C ILE A 46 3.79 1.84 10.93
N ALA A 47 4.98 2.38 10.63
CA ALA A 47 5.73 1.97 9.45
C ALA A 47 7.21 2.19 9.71
N PHE A 48 8.02 1.28 9.20
CA PHE A 48 9.47 1.38 9.40
C PHE A 48 9.80 1.52 10.87
N GLU A 49 9.20 0.67 11.70
CA GLU A 49 9.42 0.68 13.14
C GLU A 49 9.26 2.06 13.74
N LYS A 50 8.22 2.78 13.33
CA LYS A 50 8.00 4.12 13.86
C LYS A 50 6.52 4.47 13.86
N VAL A 51 6.09 5.28 14.81
CA VAL A 51 4.71 5.69 14.84
C VAL A 51 4.65 7.12 14.30
N VAL A 52 3.67 7.36 13.43
CA VAL A 52 3.52 8.66 12.82
C VAL A 52 2.06 9.07 12.83
N GLU A 53 1.82 10.36 13.03
CA GLU A 53 0.47 10.90 13.03
C GLU A 53 0.45 11.98 11.95
N VAL A 54 -0.56 11.94 11.10
CA VAL A 54 -0.67 12.90 10.01
C VAL A 54 -1.97 13.69 10.10
N GLN A 55 -1.88 14.98 9.85
CA GLN A 55 -3.03 15.86 9.94
C GLN A 55 -3.03 16.86 8.79
N LYS A 56 -4.20 17.15 8.24
CA LYS A 56 -4.26 18.14 7.18
C LYS A 56 -5.02 19.36 7.69
N ILE A 57 -4.38 20.52 7.56
CA ILE A 57 -4.98 21.77 7.99
C ILE A 57 -4.89 22.73 6.83
N GLY A 58 -6.03 22.96 6.17
CA GLY A 58 -6.02 23.84 5.02
C GLY A 58 -5.26 23.15 3.90
N GLU A 59 -4.23 23.81 3.39
CA GLU A 59 -3.43 23.24 2.31
C GLU A 59 -2.09 22.72 2.83
N ASP A 60 -1.95 22.66 4.15
CA ASP A 60 -0.72 22.18 4.74
C ASP A 60 -0.94 20.85 5.45
N VAL A 61 0.12 20.09 5.60
CA VAL A 61 0.05 18.80 6.25
C VAL A 61 1.05 18.78 7.39
N VAL A 62 0.62 18.28 8.54
CA VAL A 62 1.50 18.18 9.69
C VAL A 62 1.79 16.71 9.94
N ILE A 63 3.08 16.37 10.02
CA ILE A 63 3.50 15.01 10.29
C ILE A 63 4.17 14.99 11.66
N TYR A 64 3.46 14.52 12.66
CA TYR A 64 3.99 14.47 14.02
C TYR A 64 4.92 13.31 14.26
N ASN A 65 5.85 13.51 15.19
CA ASN A 65 6.82 12.52 15.62
C ASN A 65 7.99 12.27 14.69
N ILE A 66 8.31 13.23 13.83
CA ILE A 66 9.46 13.08 12.93
C ILE A 66 10.19 14.41 12.81
N ASN A 67 11.47 14.35 12.44
CA ASN A 67 12.27 15.58 12.27
C ASN A 67 12.56 15.78 10.79
N GLU A 68 13.25 16.88 10.46
CA GLU A 68 13.57 17.17 9.08
C GLU A 68 14.45 16.11 8.43
N GLU A 69 15.37 15.56 9.20
N GLU A 69 15.37 15.54 9.20
CA GLU A 69 16.27 14.53 8.68
CA GLU A 69 16.26 14.51 8.68
C GLU A 69 15.46 13.28 8.29
C GLU A 69 15.46 13.28 8.29
N GLU A 70 14.51 12.91 9.14
CA GLU A 70 13.66 11.75 8.89
C GLU A 70 12.75 12.01 7.71
N PHE A 71 12.26 13.24 7.59
CA PHE A 71 11.37 13.62 6.48
C PHE A 71 12.13 13.54 5.17
N LYS A 72 13.37 14.02 5.19
CA LYS A 72 14.19 14.06 3.99
C LYS A 72 14.63 12.69 3.49
N ASN A 73 14.96 11.80 4.41
CA ASN A 73 15.43 10.47 4.02
C ASN A 73 14.40 9.35 4.03
N VAL A 74 13.32 9.52 4.79
CA VAL A 74 12.31 8.47 4.88
C VAL A 74 10.87 8.80 4.49
N TRP A 75 10.30 9.79 5.17
CA TRP A 75 8.89 10.11 4.93
C TRP A 75 8.51 10.84 3.65
N SER A 76 9.35 11.74 3.18
CA SER A 76 9.02 12.46 1.95
C SER A 76 8.86 11.42 0.83
N GLU A 77 9.69 10.38 0.84
CA GLU A 77 9.58 9.34 -0.17
C GLU A 77 8.42 8.38 0.13
N TYR A 78 8.18 8.14 1.42
CA TYR A 78 7.10 7.25 1.84
C TYR A 78 5.79 7.75 1.25
N PHE A 79 5.62 9.06 1.25
CA PHE A 79 4.41 9.68 0.72
C PHE A 79 4.52 10.05 -0.76
N ASP A 80 5.60 9.61 -1.40
CA ASP A 80 5.84 9.84 -2.82
C ASP A 80 5.67 11.31 -3.20
N LEU A 81 6.02 12.19 -2.27
CA LEU A 81 5.87 13.62 -2.48
C LEU A 81 6.70 14.24 -3.58
N TYR A 82 7.58 13.47 -4.20
CA TYR A 82 8.40 14.01 -5.28
C TYR A 82 7.76 13.80 -6.65
N ARG A 83 6.74 12.95 -6.70
CA ARG A 83 6.04 12.67 -7.96
C ARG A 83 4.89 13.66 -8.11
N ASP A 84 4.71 14.18 -9.32
N ASP A 84 4.71 14.18 -9.31
CA ASP A 84 3.64 15.14 -9.59
CA ASP A 84 3.64 15.14 -9.56
C ASP A 84 2.36 14.42 -10.01
C ASP A 84 2.37 14.42 -10.00
N TYR A 85 1.43 14.26 -9.08
CA TYR A 85 0.18 13.59 -9.37
C TYR A 85 -0.79 14.38 -10.23
N GLY A 86 -0.52 15.67 -10.39
CA GLY A 86 -1.37 16.49 -11.23
C GLY A 86 -1.22 15.98 -12.65
N GLU A 87 0.01 15.68 -13.04
CA GLU A 87 0.27 15.17 -14.38
C GLU A 87 -0.39 13.81 -14.57
N ILE A 88 -0.23 12.93 -13.59
CA ILE A 88 -0.83 11.61 -13.67
C ILE A 88 -2.33 11.72 -13.92
N LYS A 89 -3.00 12.52 -13.10
CA LYS A 89 -4.44 12.70 -13.25
C LYS A 89 -4.85 13.38 -14.54
N LYS A 90 -4.04 14.32 -15.00
CA LYS A 90 -4.34 15.03 -16.25
C LYS A 90 -4.30 14.04 -17.40
N GLU A 91 -3.25 13.23 -17.43
CA GLU A 91 -3.08 12.23 -18.48
C GLU A 91 -4.22 11.20 -18.48
N LEU A 92 -4.61 10.72 -17.30
CA LEU A 92 -5.67 9.72 -17.21
C LEU A 92 -7.05 10.28 -17.47
N SER A 93 -7.30 11.52 -17.07
CA SER A 93 -8.60 12.13 -17.26
C SER A 93 -8.93 12.39 -18.73
N ARG A 94 -7.94 12.21 -19.60
CA ARG A 94 -8.17 12.40 -21.02
C ARG A 94 -9.25 11.42 -21.46
N ASP A 95 -9.33 10.30 -20.73
CA ASP A 95 -10.34 9.28 -21.01
C ASP A 95 -11.56 9.71 -20.20
N PRO A 96 -12.56 10.28 -20.87
CA PRO A 96 -13.77 10.73 -20.15
C PRO A 96 -14.32 9.69 -19.19
N LEU A 97 -14.10 8.41 -19.48
CA LEU A 97 -14.61 7.34 -18.63
C LEU A 97 -13.89 7.23 -17.28
N LEU A 98 -12.67 7.77 -17.20
CA LEU A 98 -11.92 7.71 -15.94
C LEU A 98 -12.10 8.92 -15.04
N LYS A 99 -12.54 10.03 -15.61
CA LYS A 99 -12.72 11.27 -14.85
C LYS A 99 -13.40 11.10 -13.51
N LYS A 100 -14.58 10.49 -13.50
CA LYS A 100 -15.33 10.31 -12.27
C LYS A 100 -14.52 9.62 -11.15
N SER A 101 -13.82 8.54 -11.50
CA SER A 101 -13.01 7.80 -10.52
C SER A 101 -11.81 8.63 -10.07
N VAL A 102 -11.17 9.31 -11.02
CA VAL A 102 -10.01 10.12 -10.70
C VAL A 102 -10.39 11.27 -9.78
N ASP A 103 -11.47 11.97 -10.10
CA ASP A 103 -11.90 13.09 -9.26
C ASP A 103 -12.32 12.65 -7.86
N PHE A 104 -12.95 11.49 -7.76
CA PHE A 104 -13.40 10.97 -6.46
C PHE A 104 -12.23 10.60 -5.55
N GLY A 105 -11.11 10.21 -6.16
CA GLY A 105 -9.94 9.84 -5.39
C GLY A 105 -8.78 10.76 -5.72
N GLU A 106 -9.11 12.02 -5.94
CA GLU A 106 -8.14 13.06 -6.30
C GLU A 106 -6.93 13.20 -5.37
N GLY A 107 -7.12 12.90 -4.09
CA GLY A 107 -6.02 13.01 -3.14
C GLY A 107 -5.21 11.74 -2.90
N ILE A 108 -5.36 10.74 -3.76
CA ILE A 108 -4.62 9.50 -3.62
C ILE A 108 -3.15 9.65 -3.97
N ARG A 109 -2.31 8.95 -3.22
CA ARG A 109 -0.88 8.92 -3.48
C ARG A 109 -0.49 7.48 -3.18
N ILE A 110 0.38 6.91 -4.00
CA ILE A 110 0.82 5.53 -3.80
C ILE A 110 2.05 5.54 -2.90
N LEU A 111 1.85 5.14 -1.64
CA LEU A 111 2.95 5.12 -0.68
C LEU A 111 4.08 4.18 -1.10
N ARG A 112 5.28 4.46 -0.60
CA ARG A 112 6.44 3.61 -0.87
C ARG A 112 6.70 2.81 0.40
N GLN A 113 5.99 1.71 0.54
CA GLN A 113 6.07 0.85 1.73
C GLN A 113 7.15 -0.21 1.68
N ASP A 114 7.42 -0.81 2.84
CA ASP A 114 8.43 -1.85 2.97
C ASP A 114 8.03 -3.15 2.28
N PRO A 115 8.91 -3.69 1.43
CA PRO A 115 8.60 -4.93 0.71
C PRO A 115 8.22 -6.11 1.62
N PHE A 116 9.02 -6.39 2.63
CA PHE A 116 8.73 -7.51 3.53
C PHE A 116 7.34 -7.39 4.16
N GLU A 117 7.04 -6.27 4.80
CA GLU A 117 5.73 -6.09 5.43
C GLU A 117 4.61 -6.25 4.41
N ILE A 118 4.81 -5.65 3.24
CA ILE A 118 3.83 -5.71 2.17
C ILE A 118 3.63 -7.11 1.64
N LEU A 119 4.73 -7.87 1.53
CA LEU A 119 4.64 -9.24 1.05
C LEU A 119 3.71 -10.07 1.94
N LEU A 120 3.93 -10.03 3.25
N LEU A 120 3.94 -10.02 3.25
CA LEU A 120 3.09 -10.79 4.18
CA LEU A 120 3.13 -10.76 4.20
C LEU A 120 1.69 -10.21 4.29
C LEU A 120 1.72 -10.20 4.34
N SER A 121 1.59 -8.88 4.27
CA SER A 121 0.28 -8.26 4.39
C SER A 121 -0.64 -8.67 3.25
N PHE A 122 -0.16 -8.65 2.01
CA PHE A 122 -1.06 -9.03 0.93
C PHE A 122 -1.27 -10.51 0.74
N ILE A 123 -0.39 -11.33 1.31
CA ILE A 123 -0.58 -12.77 1.25
C ILE A 123 -1.78 -12.96 2.18
N ILE A 124 -1.80 -12.19 3.26
CA ILE A 124 -2.90 -12.25 4.22
C ILE A 124 -4.19 -11.70 3.63
N SER A 125 -4.06 -10.75 2.70
CA SER A 125 -5.24 -10.13 2.10
C SER A 125 -6.07 -11.00 1.14
N ALA A 126 -5.45 -12.04 0.58
CA ALA A 126 -6.14 -12.91 -0.38
C ALA A 126 -7.48 -13.47 0.08
N ASN A 127 -8.53 -13.10 -0.64
CA ASN A 127 -9.88 -13.55 -0.33
C ASN A 127 -10.23 -13.32 1.13
N ASN A 128 -9.71 -12.23 1.70
CA ASN A 128 -9.98 -11.93 3.09
C ASN A 128 -10.82 -10.66 3.23
N ARG A 129 -11.13 -10.29 4.46
CA ARG A 129 -11.92 -9.08 4.74
C ARG A 129 -11.03 -8.10 5.47
N ILE A 130 -11.22 -6.80 5.23
CA ILE A 130 -10.42 -5.77 5.85
C ILE A 130 -10.14 -5.96 7.33
N PRO A 131 -11.19 -6.16 8.15
CA PRO A 131 -11.04 -6.36 9.60
C PRO A 131 -10.12 -7.51 9.97
N MET A 132 -10.26 -8.64 9.29
CA MET A 132 -9.43 -9.81 9.59
C MET A 132 -7.97 -9.55 9.21
N ILE A 133 -7.77 -8.87 8.08
CA ILE A 133 -6.42 -8.57 7.61
C ILE A 133 -5.70 -7.68 8.60
N LYS A 134 -6.34 -6.58 8.99
CA LYS A 134 -5.75 -5.64 9.94
C LYS A 134 -5.49 -6.33 11.27
N LYS A 135 -6.46 -7.11 11.73
CA LYS A 135 -6.32 -7.81 13.00
C LYS A 135 -5.13 -8.76 12.97
N CYS A 136 -5.03 -9.55 11.90
CA CYS A 136 -3.94 -10.51 11.77
C CYS A 136 -2.57 -9.83 11.75
N ILE A 137 -2.44 -8.78 10.95
CA ILE A 137 -1.16 -8.06 10.86
C ILE A 137 -0.78 -7.48 12.23
N ASN A 138 -1.76 -6.91 12.92
CA ASN A 138 -1.50 -6.36 14.25
C ASN A 138 -1.11 -7.45 15.25
N ASN A 139 -1.81 -8.59 15.19
CA ASN A 139 -1.53 -9.70 16.09
C ASN A 139 -0.09 -10.16 15.91
N ILE A 140 0.36 -10.24 14.66
CA ILE A 140 1.71 -10.67 14.37
C ILE A 140 2.72 -9.67 14.95
N SER A 141 2.38 -8.38 14.87
CA SER A 141 3.27 -7.35 15.38
C SER A 141 3.32 -7.33 16.90
N GLU A 142 2.17 -7.46 17.54
CA GLU A 142 2.11 -7.46 19.00
C GLU A 142 2.91 -8.62 19.58
N LYS A 143 2.84 -9.76 18.91
CA LYS A 143 3.54 -10.95 19.34
C LYS A 143 5.06 -10.93 19.17
N ALA A 144 5.55 -10.30 18.12
CA ALA A 144 7.01 -10.29 17.90
C ALA A 144 7.62 -8.97 17.44
N GLY A 145 6.86 -7.89 17.49
CA GLY A 145 7.40 -6.62 17.05
C GLY A 145 7.98 -5.78 18.17
N LYS A 146 8.89 -4.88 17.82
CA LYS A 146 9.50 -4.00 18.80
C LYS A 146 8.38 -3.13 19.38
N LYS A 147 8.34 -3.02 20.69
CA LYS A 147 7.31 -2.23 21.38
C LYS A 147 7.62 -0.75 21.17
N LEU A 148 6.58 0.05 20.90
CA LEU A 148 6.75 1.48 20.67
C LEU A 148 5.74 2.29 21.48
N GLU A 149 6.06 3.54 21.77
CA GLU A 149 5.15 4.40 22.52
C GLU A 149 4.92 5.74 21.83
N TYR A 150 3.69 6.22 21.89
CA TYR A 150 3.34 7.50 21.30
C TYR A 150 2.11 8.05 22.01
N LYS A 151 2.26 9.23 22.60
CA LYS A 151 1.18 9.90 23.31
C LYS A 151 0.46 9.00 24.30
N GLY A 152 1.23 8.32 25.15
CA GLY A 152 0.62 7.46 26.16
C GLY A 152 0.06 6.13 25.71
N LYS A 153 0.32 5.73 24.47
CA LYS A 153 -0.17 4.45 23.99
C LYS A 153 0.95 3.58 23.47
N ILE A 154 0.76 2.28 23.58
CA ILE A 154 1.75 1.32 23.12
C ILE A 154 1.34 0.81 21.74
N TYR A 155 2.32 0.70 20.86
CA TYR A 155 2.12 0.21 19.50
C TYR A 155 3.24 -0.80 19.24
N TYR A 156 3.08 -1.60 18.19
CA TYR A 156 4.09 -2.59 17.85
C TYR A 156 4.57 -2.50 16.41
N ALA A 157 5.88 -2.36 16.26
CA ALA A 157 6.49 -2.29 14.95
C ALA A 157 6.24 -3.65 14.31
N PHE A 158 6.39 -3.72 12.99
CA PHE A 158 6.20 -4.98 12.31
C PHE A 158 7.47 -5.77 12.65
N PRO A 159 7.35 -7.10 12.83
CA PRO A 159 8.52 -7.90 13.17
C PRO A 159 9.58 -8.04 12.08
N THR A 160 10.82 -8.24 12.50
N THR A 160 10.82 -8.25 12.52
CA THR A 160 11.93 -8.41 11.57
CA THR A 160 11.95 -8.43 11.62
C THR A 160 11.78 -9.78 10.92
C THR A 160 11.81 -9.81 10.97
N VAL A 161 12.65 -10.09 9.97
CA VAL A 161 12.60 -11.38 9.29
C VAL A 161 13.08 -12.46 10.25
N ASP A 162 14.10 -12.12 11.06
CA ASP A 162 14.64 -13.07 12.02
C ASP A 162 13.63 -13.46 13.08
N LYS A 163 12.89 -12.49 13.60
CA LYS A 163 11.90 -12.77 14.63
C LYS A 163 10.75 -13.62 14.08
N LEU A 164 10.34 -13.34 12.84
CA LEU A 164 9.26 -14.10 12.23
C LEU A 164 9.69 -15.50 11.80
N HIS A 165 10.98 -15.69 11.63
CA HIS A 165 11.49 -17.00 11.25
C HIS A 165 11.19 -17.99 12.38
N GLU A 166 11.15 -17.47 13.60
CA GLU A 166 10.87 -18.26 14.78
C GLU A 166 9.42 -18.77 14.84
N PHE A 167 8.55 -18.11 14.09
CA PHE A 167 7.14 -18.48 14.05
C PHE A 167 6.92 -19.86 13.45
N THR A 168 5.89 -20.56 13.92
CA THR A 168 5.53 -21.87 13.40
C THR A 168 4.21 -21.62 12.68
N GLU A 169 3.81 -22.55 11.80
CA GLU A 169 2.55 -22.37 11.09
C GLU A 169 1.46 -22.12 12.12
N LYS A 170 1.53 -22.84 13.24
CA LYS A 170 0.54 -22.71 14.30
C LYS A 170 0.51 -21.28 14.85
N ASP A 171 1.68 -20.67 14.99
CA ASP A 171 1.75 -19.29 15.47
C ASP A 171 0.97 -18.35 14.56
N PHE A 172 1.23 -18.44 13.25
CA PHE A 172 0.52 -17.59 12.31
C PHE A 172 -0.96 -17.91 12.36
N GLU A 173 -1.27 -19.18 12.61
CA GLU A 173 -2.65 -19.61 12.69
C GLU A 173 -3.30 -18.96 13.92
N GLU A 174 -2.57 -18.92 15.03
CA GLU A 174 -3.09 -18.32 16.26
C GLU A 174 -3.32 -16.81 16.07
N CYS A 175 -2.53 -16.19 15.20
CA CYS A 175 -2.69 -14.76 14.93
C CYS A 175 -3.87 -14.58 13.97
N THR A 176 -4.41 -15.73 13.55
CA THR A 176 -5.55 -15.84 12.65
C THR A 176 -5.31 -15.47 11.19
N ALA A 177 -4.36 -16.16 10.58
CA ALA A 177 -4.05 -15.95 9.18
C ALA A 177 -4.92 -16.97 8.44
N GLY A 178 -5.60 -17.81 9.21
CA GLY A 178 -6.43 -18.85 8.61
C GLY A 178 -5.57 -19.81 7.80
N PHE A 179 -6.13 -20.35 6.73
CA PHE A 179 -5.42 -21.30 5.88
C PHE A 179 -4.17 -20.67 5.26
N ARG A 180 -4.05 -19.35 5.36
CA ARG A 180 -2.89 -18.65 4.80
C ARG A 180 -1.67 -18.74 5.72
N ALA A 181 -1.88 -19.22 6.94
CA ALA A 181 -0.79 -19.37 7.90
C ALA A 181 0.34 -20.16 7.27
N LYS A 182 -0.04 -21.20 6.54
CA LYS A 182 0.90 -22.07 5.85
C LYS A 182 1.75 -21.28 4.85
N TYR A 183 1.12 -20.39 4.11
CA TYR A 183 1.83 -19.58 3.11
C TYR A 183 2.81 -18.60 3.77
N LEU A 184 2.38 -18.02 4.89
CA LEU A 184 3.22 -17.07 5.59
C LEU A 184 4.50 -17.75 6.07
N LYS A 185 4.35 -18.90 6.74
CA LYS A 185 5.51 -19.64 7.23
C LYS A 185 6.42 -20.06 6.09
N ASP A 186 5.85 -20.61 5.03
CA ASP A 186 6.65 -21.04 3.89
C ASP A 186 7.43 -19.85 3.33
N THR A 187 6.75 -18.72 3.18
CA THR A 187 7.36 -17.50 2.64
C THR A 187 8.46 -16.91 3.52
N VAL A 188 8.23 -16.85 4.82
CA VAL A 188 9.25 -16.30 5.71
C VAL A 188 10.55 -17.12 5.65
N ASP A 189 10.43 -18.44 5.55
CA ASP A 189 11.61 -19.28 5.47
C ASP A 189 12.38 -19.06 4.16
N ARG A 190 11.66 -18.87 3.07
CA ARG A 190 12.29 -18.64 1.78
C ARG A 190 13.07 -17.35 1.83
N ILE A 191 12.59 -16.39 2.62
CA ILE A 191 13.27 -15.10 2.77
C ILE A 191 14.49 -15.32 3.65
N TYR A 192 14.27 -15.91 4.81
CA TYR A 192 15.34 -16.19 5.75
C TYR A 192 16.49 -17.00 5.13
N ASN A 193 16.15 -18.15 4.55
CA ASN A 193 17.15 -19.04 3.95
C ASN A 193 17.87 -18.42 2.76
N GLY A 194 17.33 -17.32 2.25
CA GLY A 194 17.97 -16.65 1.13
C GLY A 194 17.52 -17.09 -0.27
N GLU A 195 16.60 -18.04 -0.34
CA GLU A 195 16.13 -18.50 -1.65
C GLU A 195 15.61 -17.33 -2.49
N LEU A 196 14.83 -16.44 -1.87
CA LEU A 196 14.30 -15.28 -2.57
C LEU A 196 14.73 -14.00 -1.88
N ASN A 197 15.27 -13.06 -2.65
CA ASN A 197 15.74 -11.79 -2.11
C ASN A 197 14.88 -10.61 -2.60
N LEU A 198 14.21 -9.95 -1.66
CA LEU A 198 13.33 -8.83 -1.97
C LEU A 198 14.00 -7.64 -2.64
N GLU A 199 15.16 -7.22 -2.14
CA GLU A 199 15.82 -6.08 -2.75
C GLU A 199 16.29 -6.37 -4.17
N TYR A 200 16.63 -7.62 -4.44
CA TYR A 200 17.06 -8.00 -5.78
C TYR A 200 15.80 -8.05 -6.66
N ILE A 201 14.73 -8.63 -6.12
CA ILE A 201 13.47 -8.72 -6.85
C ILE A 201 13.02 -7.31 -7.26
N LYS A 202 13.18 -6.37 -6.33
CA LYS A 202 12.78 -4.98 -6.55
C LYS A 202 13.61 -4.25 -7.60
N SER A 203 14.82 -4.75 -7.86
CA SER A 203 15.69 -4.12 -8.85
C SER A 203 15.40 -4.57 -10.28
N LEU A 204 14.57 -5.60 -10.44
CA LEU A 204 14.20 -6.12 -11.76
C LEU A 204 13.15 -5.23 -12.41
N ASN A 205 12.98 -5.36 -13.73
CA ASN A 205 11.98 -4.56 -14.42
C ASN A 205 10.58 -5.09 -14.08
N ASP A 206 9.57 -4.26 -14.28
CA ASP A 206 8.19 -4.63 -13.97
C ASP A 206 7.83 -6.11 -14.21
N ASN A 207 7.98 -6.57 -15.44
CA ASN A 207 7.63 -7.97 -15.77
C ASN A 207 8.44 -9.05 -15.08
N GLU A 208 9.76 -8.86 -14.95
CA GLU A 208 10.60 -9.85 -14.28
C GLU A 208 10.24 -9.88 -12.79
N CYS A 209 10.18 -8.68 -12.20
CA CYS A 209 9.82 -8.53 -10.80
C CYS A 209 8.56 -9.34 -10.52
N HIS A 210 7.53 -9.08 -11.31
CA HIS A 210 6.24 -9.76 -11.17
C HIS A 210 6.40 -11.29 -11.17
N GLU A 211 7.11 -11.85 -12.14
CA GLU A 211 7.29 -13.31 -12.22
C GLU A 211 7.91 -13.91 -10.96
N GLU A 212 8.95 -13.28 -10.46
CA GLU A 212 9.60 -13.77 -9.25
C GLU A 212 8.63 -13.85 -8.08
N LEU A 213 7.99 -12.72 -7.78
CA LEU A 213 7.04 -12.63 -6.68
C LEU A 213 6.03 -13.77 -6.71
N LYS A 214 5.64 -14.18 -7.91
CA LYS A 214 4.68 -15.27 -8.01
C LYS A 214 5.25 -16.59 -7.49
N LYS A 215 6.56 -16.66 -7.31
CA LYS A 215 7.19 -17.87 -6.80
C LYS A 215 6.78 -18.12 -5.34
N PHE A 216 6.39 -17.07 -4.63
CA PHE A 216 5.98 -17.20 -3.23
C PHE A 216 4.64 -17.90 -3.10
N MET A 217 4.54 -18.81 -2.13
CA MET A 217 3.29 -19.53 -1.92
C MET A 217 2.28 -18.53 -1.38
N GLY A 218 1.08 -18.52 -1.96
CA GLY A 218 0.06 -17.58 -1.52
C GLY A 218 0.09 -16.30 -2.33
N VAL A 219 1.02 -16.20 -3.27
CA VAL A 219 1.15 -15.03 -4.11
C VAL A 219 0.80 -15.30 -5.57
N GLY A 220 -0.38 -14.86 -5.99
CA GLY A 220 -0.79 -15.04 -7.37
C GLY A 220 -0.57 -13.75 -8.14
N PRO A 221 -1.15 -13.62 -9.35
CA PRO A 221 -0.99 -12.41 -10.17
C PRO A 221 -1.47 -11.13 -9.49
N GLN A 222 -2.66 -11.16 -8.89
CA GLN A 222 -3.20 -9.98 -8.24
C GLN A 222 -2.30 -9.51 -7.09
N VAL A 223 -2.03 -10.42 -6.15
CA VAL A 223 -1.19 -10.12 -5.00
C VAL A 223 0.21 -9.67 -5.43
N ALA A 224 0.73 -10.26 -6.49
CA ALA A 224 2.06 -9.87 -6.97
C ALA A 224 2.03 -8.43 -7.47
N ASP A 225 0.99 -8.06 -8.20
CA ASP A 225 0.86 -6.68 -8.67
C ASP A 225 0.80 -5.71 -7.49
N CYS A 226 0.02 -6.05 -6.47
CA CYS A 226 -0.06 -5.19 -5.28
C CYS A 226 1.32 -5.01 -4.63
N ILE A 227 2.02 -6.12 -4.44
CA ILE A 227 3.32 -6.05 -3.80
C ILE A 227 4.31 -5.18 -4.57
N MET A 228 4.45 -5.39 -5.88
CA MET A 228 5.43 -4.58 -6.61
C MET A 228 5.01 -3.12 -6.78
N LEU A 229 3.71 -2.85 -6.79
CA LEU A 229 3.24 -1.48 -6.93
C LEU A 229 3.42 -0.71 -5.63
N PHE A 230 2.96 -1.31 -4.53
CA PHE A 230 3.01 -0.68 -3.23
C PHE A 230 4.36 -0.65 -2.53
N SER A 231 5.27 -1.55 -2.89
CA SER A 231 6.57 -1.57 -2.23
C SER A 231 7.77 -1.52 -3.17
N MET A 232 7.54 -1.70 -4.46
CA MET A 232 8.65 -1.70 -5.40
C MET A 232 8.50 -0.72 -6.56
N GLN A 233 7.52 0.16 -6.45
CA GLN A 233 7.27 1.16 -7.46
C GLN A 233 7.30 0.69 -8.92
N LYS A 234 6.65 -0.45 -9.18
CA LYS A 234 6.57 -0.95 -10.56
C LYS A 234 5.19 -0.50 -11.01
N TYR A 235 5.13 0.71 -11.56
CA TYR A 235 3.88 1.31 -11.96
C TYR A 235 3.04 0.70 -13.06
N SER A 236 3.59 -0.26 -13.81
CA SER A 236 2.79 -0.87 -14.86
C SER A 236 1.89 -1.98 -14.28
N ALA A 237 1.98 -2.18 -12.97
CA ALA A 237 1.15 -3.18 -12.31
C ALA A 237 -0.31 -2.79 -12.42
N PHE A 238 -1.19 -3.80 -12.47
CA PHE A 238 -2.63 -3.55 -12.57
C PHE A 238 -3.33 -4.64 -11.77
N PRO A 239 -3.32 -4.50 -10.44
CA PRO A 239 -3.97 -5.48 -9.54
C PRO A 239 -5.44 -5.66 -9.90
N VAL A 240 -5.84 -6.89 -10.16
CA VAL A 240 -7.24 -7.14 -10.49
C VAL A 240 -7.92 -8.02 -9.48
N ASP A 241 -8.86 -7.45 -8.72
CA ASP A 241 -9.64 -8.20 -7.73
C ASP A 241 -11.05 -8.09 -8.27
N THR A 242 -12.06 -8.44 -7.48
CA THR A 242 -13.43 -8.36 -7.97
C THR A 242 -13.87 -6.91 -8.18
N TRP A 243 -13.38 -5.99 -7.35
CA TRP A 243 -13.75 -4.58 -7.48
C TRP A 243 -13.21 -3.97 -8.76
N VAL A 244 -11.93 -4.19 -9.03
CA VAL A 244 -11.32 -3.65 -10.25
C VAL A 244 -11.95 -4.32 -11.47
N LYS A 245 -12.31 -5.60 -11.31
CA LYS A 245 -12.93 -6.38 -12.39
C LYS A 245 -14.29 -5.77 -12.74
N LYS A 246 -15.05 -5.40 -11.72
CA LYS A 246 -16.37 -4.79 -11.92
C LYS A 246 -16.26 -3.45 -12.66
N ALA A 247 -15.42 -2.56 -12.13
CA ALA A 247 -15.25 -1.25 -12.71
C ALA A 247 -14.81 -1.37 -14.17
N MET A 248 -14.01 -2.38 -14.45
CA MET A 248 -13.50 -2.60 -15.80
C MET A 248 -14.56 -3.10 -16.79
N MET A 249 -15.40 -4.03 -16.35
CA MET A 249 -16.44 -4.54 -17.23
C MET A 249 -17.46 -3.45 -17.46
N SER A 250 -17.78 -2.73 -16.39
CA SER A 250 -18.75 -1.65 -16.43
C SER A 250 -18.37 -0.46 -17.31
N LEU A 251 -17.09 -0.10 -17.32
CA LEU A 251 -16.64 1.04 -18.11
C LEU A 251 -16.27 0.73 -19.55
N TYR A 252 -15.39 -0.24 -19.75
CA TYR A 252 -14.95 -0.58 -21.09
C TYR A 252 -15.67 -1.80 -21.65
N VAL A 253 -16.86 -2.06 -21.14
CA VAL A 253 -17.68 -3.19 -21.57
C VAL A 253 -16.83 -4.44 -21.78
N ALA A 254 -15.78 -4.58 -20.96
CA ALA A 254 -14.90 -5.73 -21.06
C ALA A 254 -15.72 -6.96 -20.68
N PRO A 255 -15.67 -8.00 -21.52
CA PRO A 255 -16.42 -9.23 -21.24
C PRO A 255 -15.84 -10.02 -20.06
N ASP A 256 -16.67 -10.81 -19.41
CA ASP A 256 -16.23 -11.59 -18.26
C ASP A 256 -15.16 -12.62 -18.63
N VAL A 257 -13.90 -12.26 -18.44
CA VAL A 257 -12.78 -13.13 -18.74
C VAL A 257 -11.91 -13.31 -17.51
N SER A 258 -10.84 -14.08 -17.66
CA SER A 258 -9.92 -14.33 -16.57
C SER A 258 -9.31 -13.04 -16.04
N LEU A 259 -8.77 -13.11 -14.82
CA LEU A 259 -8.15 -11.95 -14.22
C LEU A 259 -6.92 -11.59 -15.05
N LYS A 260 -6.23 -12.60 -15.56
CA LYS A 260 -5.05 -12.36 -16.39
C LYS A 260 -5.38 -11.52 -17.61
N LYS A 261 -6.48 -11.84 -18.28
CA LYS A 261 -6.87 -11.10 -19.47
C LYS A 261 -7.34 -9.69 -19.12
N ILE A 262 -7.96 -9.54 -17.95
CA ILE A 262 -8.41 -8.21 -17.54
C ILE A 262 -7.15 -7.43 -17.22
N ARG A 263 -6.16 -8.10 -16.64
CA ARG A 263 -4.89 -7.46 -16.29
C ARG A 263 -4.16 -7.05 -17.56
N ASP A 264 -4.14 -7.95 -18.54
CA ASP A 264 -3.48 -7.66 -19.82
C ASP A 264 -4.16 -6.48 -20.50
N PHE A 265 -5.49 -6.42 -20.41
CA PHE A 265 -6.24 -5.35 -21.03
C PHE A 265 -5.99 -3.99 -20.34
N GLY A 266 -5.85 -4.01 -19.01
CA GLY A 266 -5.60 -2.78 -18.28
C GLY A 266 -4.21 -2.23 -18.54
N ARG A 267 -3.21 -3.10 -18.42
CA ARG A 267 -1.83 -2.69 -18.64
C ARG A 267 -1.59 -2.21 -20.07
N GLU A 268 -2.33 -2.80 -21.01
CA GLU A 268 -2.19 -2.43 -22.42
C GLU A 268 -2.72 -1.01 -22.60
N LYS A 269 -3.83 -0.70 -21.96
CA LYS A 269 -4.45 0.62 -22.07
C LYS A 269 -3.77 1.73 -21.27
N PHE A 270 -3.30 1.43 -20.06
CA PHE A 270 -2.69 2.47 -19.23
C PHE A 270 -1.17 2.53 -19.16
N GLY A 271 -0.49 1.48 -19.60
CA GLY A 271 0.96 1.47 -19.58
C GLY A 271 1.57 1.77 -18.23
N SER A 272 2.51 2.73 -18.20
CA SER A 272 3.21 3.15 -16.99
C SER A 272 2.32 3.78 -15.91
N LEU A 273 1.06 4.02 -16.24
CA LEU A 273 0.15 4.61 -15.26
C LEU A 273 -0.88 3.59 -14.80
N SER A 274 -0.67 2.33 -15.21
CA SER A 274 -1.59 1.25 -14.86
C SER A 274 -1.87 1.17 -13.38
N GLY A 275 -0.82 1.24 -12.57
CA GLY A 275 -0.98 1.14 -11.13
C GLY A 275 -1.83 2.25 -10.56
N PHE A 276 -1.60 3.47 -11.02
CA PHE A 276 -2.37 4.61 -10.54
C PHE A 276 -3.80 4.47 -11.02
N ALA A 277 -3.95 4.09 -12.29
CA ALA A 277 -5.26 3.91 -12.86
C ALA A 277 -6.10 2.91 -12.05
N GLN A 278 -5.53 1.77 -11.67
CA GLN A 278 -6.34 0.80 -10.92
C GLN A 278 -6.68 1.25 -9.52
N GLN A 279 -5.83 2.08 -8.91
CA GLN A 279 -6.12 2.55 -7.55
C GLN A 279 -7.35 3.46 -7.58
N TYR A 280 -7.41 4.39 -8.55
CA TYR A 280 -8.57 5.27 -8.65
C TYR A 280 -9.80 4.40 -8.91
N LEU A 281 -9.68 3.48 -9.86
CA LEU A 281 -10.78 2.56 -10.19
C LEU A 281 -11.24 1.78 -8.96
N PHE A 282 -10.29 1.16 -8.28
CA PHE A 282 -10.58 0.37 -7.09
C PHE A 282 -11.28 1.17 -6.00
N TYR A 283 -10.66 2.29 -5.64
CA TYR A 283 -11.19 3.16 -4.59
C TYR A 283 -12.63 3.57 -4.87
N TYR A 284 -12.87 4.06 -6.07
CA TYR A 284 -14.22 4.49 -6.44
C TYR A 284 -15.19 3.31 -6.43
N ALA A 285 -14.80 2.21 -7.06
CA ALA A 285 -15.65 1.03 -7.12
C ALA A 285 -16.07 0.55 -5.74
N ARG A 286 -15.11 0.44 -4.83
CA ARG A 286 -15.40 -0.04 -3.48
C ARG A 286 -16.21 0.92 -2.61
N GLU A 287 -15.89 2.21 -2.64
CA GLU A 287 -16.62 3.17 -1.83
C GLU A 287 -18.05 3.40 -2.32
N ASN A 288 -18.29 3.15 -3.60
CA ASN A 288 -19.63 3.35 -4.15
C ASN A 288 -20.38 2.03 -4.32
N ASN A 289 -19.76 0.95 -3.87
CA ASN A 289 -20.34 -0.39 -3.94
C ASN A 289 -21.16 -0.62 -5.20
N ILE A 290 -20.50 -0.50 -6.34
CA ILE A 290 -21.12 -0.66 -7.66
C ILE A 290 -21.56 -2.11 -7.96
N GLN A 291 -22.52 -2.26 -8.86
CA GLN A 291 -23.02 -3.57 -9.27
C GLN A 291 -23.22 -3.63 -10.78
N LEU A 292 -23.48 -4.82 -11.33
CA LEU A 292 -23.70 -4.94 -12.78
C LEU A 292 -25.09 -4.45 -13.13
O6 8HG B . -4.96 -1.97 -3.51
C6 8HG B . -5.59 -2.95 -3.81
N1 8HG B . -5.88 -3.23 -5.16
C2 8HG B . -6.64 -4.36 -5.49
N2 8HG B . -6.90 -4.63 -6.76
N3 8HG B . -7.11 -5.16 -4.51
C4 8HG B . -6.86 -4.91 -3.21
C5 8HG B . -6.10 -3.82 -2.84
N7 8HG B . -6.00 -3.81 -1.51
C8 8HG B . -6.70 -4.86 -1.09
O20 8HG B . -6.84 -5.16 0.10
N9 8HG B . -7.23 -5.54 -2.10
C1' 8HG B . -8.12 -6.72 -2.00
O4' 8HG B . -9.47 -6.32 -1.71
C2' 8HG B . -7.72 -7.68 -0.88
C3' 8HG B . -9.05 -8.43 -0.75
O3' 8HG B . -9.25 -9.30 -1.87
C4' 8HG B . -10.03 -7.26 -0.77
C5' 8HG B . -10.09 -6.58 0.59
O5' 8HG B . -10.95 -5.44 0.51
C1 EDO C . 10.72 3.77 0.84
O1 EDO C . 11.32 4.44 -0.27
C2 EDO C . 10.25 4.79 1.87
O2 EDO C . 11.39 5.44 2.46
C1 EDO D . 11.06 3.68 -9.91
O1 EDO D . 9.86 3.29 -10.61
C2 EDO D . 10.74 4.79 -8.91
O2 EDO D . 10.35 5.98 -9.61
#